data_5LHB
#
_entry.id   5LHB
#
_cell.length_a   67.010
_cell.length_b   89.730
_cell.length_c   95.440
_cell.angle_alpha   90.00
_cell.angle_beta   90.00
_cell.angle_gamma   90.00
#
_symmetry.space_group_name_H-M   'P 21 21 21'
#
loop_
_entity.id
_entity.type
_entity.pdbx_description
1 polymer 'Poly(ADP-ribose) glycohydrolase'
2 non-polymer 1-(cyclopropylmethyl)-6-[[(1-methylcyclopropyl)amino]-bis(oxidanyl)-$l^{4}-sulfanyl]-3-[(2-methyl-1,3-thiazol-5-yl)methyl]quinazoline-2,4-dione
3 non-polymer 'SULFATE ION'
4 non-polymer 'DIMETHYL SULFOXIDE'
5 water water
#
_entity_poly.entity_id   1
_entity_poly.type   'polypeptide(L)'
_entity_poly.pdbx_seq_one_letter_code
;GSSPDKKWLGTPIEEMRRMPRCGIRLPLLRPSANHTVTIRVDLLRAGEVPKPFPTHYKDLWDNKHVKMPCSEQNLYPVED
ENGERTAGSRWELIQTALLNKFTRPQNLKDAILKYNVAYSKKWDFTALIDFWDKVLEEAEAQHLYQSILPDMVKIALCLP
NICTQPIPLLAAAMNHSITMSQEQIASLLANAFFCTFPRRNAKMKSEYSSYPDINFNRLFEGRSSRKPEKLKTLF(6WK)
YFRRVTAAAPTGLVTFTRQSLEDFPEWERCEKPLTRLHVTYEGTIEENGQGMLQVDFANRFVGGGVTSAGLVQEEIRFLI
NPELIISRLFTEVLDHNECLIITGTEQYSEYTGYAETYRWSRSHEDGSERDDWQRRCTEIVAIDALHFRRYLDQFVPEKM
RRELNKAYCGFLRPGVSSENLSAVATGNWGCGAFGGDARLKALIQILAAAAAERDVVYFTFGDSELMRDIYSMHIFLTER
KLTVGDVYKLLLRYYNEECRNCSTPGPDIKLYPFIYHAVESCAETADHSGQRTGT
;
_entity_poly.pdbx_strand_id   A
#
loop_
_chem_comp.id
_chem_comp.type
_chem_comp.name
_chem_comp.formula
6WJ non-polymer 1-(cyclopropylmethyl)-6-[[(1-methylcyclopropyl)amino]-bis(oxidanyl)-$l^{4}-sulfanyl]-3-[(2-methyl-1,3-thiazol-5-yl)methyl]quinazoline-2,4-dione 'C21 H24 N4 O4 S2'
DMS non-polymer 'DIMETHYL SULFOXIDE' 'C2 H6 O S'
SO4 non-polymer 'SULFATE ION' 'O4 S -2'
#
# COMPACT_ATOMS: atom_id res chain seq x y z
N ASP A 5 27.38 18.27 12.90
CA ASP A 5 26.83 17.15 12.14
C ASP A 5 25.32 17.31 11.88
N LYS A 6 25.00 18.08 10.82
CA LYS A 6 23.63 18.42 10.38
C LYS A 6 22.77 17.17 10.13
N LYS A 7 21.50 17.17 10.62
CA LYS A 7 20.60 16.02 10.50
C LYS A 7 19.80 16.07 9.22
N TRP A 8 19.79 17.23 8.58
CA TRP A 8 19.10 17.41 7.31
C TRP A 8 19.87 18.40 6.48
N LEU A 9 19.67 18.37 5.17
CA LEU A 9 20.36 19.26 4.24
C LEU A 9 19.40 19.65 3.15
N GLY A 10 19.66 20.82 2.55
CA GLY A 10 18.89 21.31 1.42
C GLY A 10 17.88 22.35 1.79
N THR A 11 16.75 22.35 1.08
CA THR A 11 15.63 23.28 1.30
C THR A 11 15.00 22.95 2.65
N PRO A 12 14.74 23.96 3.51
CA PRO A 12 14.05 23.66 4.79
C PRO A 12 12.71 23.01 4.51
N ILE A 13 12.29 22.07 5.36
CA ILE A 13 11.06 21.30 5.18
C ILE A 13 9.79 22.19 5.21
N GLU A 14 9.84 23.30 5.95
CA GLU A 14 8.75 24.29 6.06
C GLU A 14 8.51 24.98 4.71
N GLU A 15 9.54 25.07 3.87
CA GLU A 15 9.44 25.68 2.54
C GLU A 15 8.81 24.70 1.48
N MET A 16 8.65 23.41 1.82
CA MET A 16 8.11 22.39 0.90
C MET A 16 6.56 22.34 0.93
N ARG A 17 5.92 22.07 -0.24
CA ARG A 17 4.46 22.05 -0.33
C ARG A 17 3.84 20.83 0.36
N ARG A 18 2.84 21.10 1.22
CA ARG A 18 2.04 20.16 2.02
C ARG A 18 0.54 20.24 1.61
N MET A 19 -0.36 19.54 2.32
CA MET A 19 -1.81 19.47 2.03
C MET A 19 -2.68 19.47 3.31
N PRO A 20 -4.01 19.83 3.23
CA PRO A 20 -4.78 20.27 2.05
C PRO A 20 -4.57 21.74 1.68
N ARG A 21 -3.72 22.45 2.46
CA ARG A 21 -3.35 23.87 2.32
C ARG A 21 -2.92 24.19 0.88
N CYS A 22 -1.93 23.44 0.35
CA CYS A 22 -1.46 23.57 -1.04
C CYS A 22 -1.97 22.35 -1.84
N GLY A 23 -3.29 22.18 -1.80
CA GLY A 23 -4.06 21.13 -2.45
C GLY A 23 -5.43 21.66 -2.80
N ILE A 24 -5.65 21.94 -4.10
CA ILE A 24 -6.85 22.52 -4.73
C ILE A 24 -8.20 22.03 -4.18
N ARG A 25 -9.23 22.91 -4.26
CA ARG A 25 -10.60 22.63 -3.84
C ARG A 25 -11.10 21.48 -4.69
N LEU A 26 -11.73 20.48 -4.05
CA LEU A 26 -12.19 19.28 -4.75
C LEU A 26 -13.47 19.50 -5.54
N PRO A 27 -13.60 18.88 -6.76
CA PRO A 27 -14.88 18.96 -7.46
C PRO A 27 -15.92 18.08 -6.74
N LEU A 28 -17.21 18.25 -7.06
CA LEU A 28 -18.26 17.47 -6.44
C LEU A 28 -18.02 15.96 -6.62
N LEU A 29 -18.08 15.20 -5.51
CA LEU A 29 -17.89 13.75 -5.56
C LEU A 29 -19.14 13.16 -6.20
N ARG A 30 -18.94 12.33 -7.20
CA ARG A 30 -20.05 11.70 -7.91
C ARG A 30 -19.57 10.48 -8.65
N PRO A 31 -20.40 9.42 -8.78
CA PRO A 31 -19.97 8.29 -9.59
C PRO A 31 -19.96 8.68 -11.07
N SER A 32 -19.10 8.03 -11.83
CA SER A 32 -18.92 8.22 -13.26
C SER A 32 -18.33 6.93 -13.76
N ALA A 33 -18.16 6.83 -15.08
CA ALA A 33 -17.61 5.65 -15.74
C ALA A 33 -16.28 5.22 -15.13
N ASN A 34 -15.40 6.19 -14.74
CA ASN A 34 -14.08 5.92 -14.17
C ASN A 34 -14.06 6.04 -12.64
N HIS A 35 -15.24 6.24 -12.03
CA HIS A 35 -15.26 6.43 -10.59
C HIS A 35 -16.43 5.74 -9.90
N THR A 36 -16.15 4.67 -9.14
CA THR A 36 -17.17 3.96 -8.33
C THR A 36 -17.29 4.65 -6.94
N VAL A 37 -18.50 5.06 -6.54
CA VAL A 37 -18.79 5.72 -5.24
C VAL A 37 -19.88 4.87 -4.55
N THR A 38 -19.54 4.28 -3.39
CA THR A 38 -20.41 3.28 -2.75
C THR A 38 -21.31 3.83 -1.60
N ILE A 39 -21.38 5.17 -1.48
CA ILE A 39 -22.10 5.87 -0.43
C ILE A 39 -22.95 6.99 -1.02
N ARG A 40 -23.90 7.47 -0.23
CA ARG A 40 -24.81 8.56 -0.57
C ARG A 40 -24.09 9.91 -0.46
N VAL A 41 -23.66 10.45 -1.60
CA VAL A 41 -22.89 11.71 -1.64
C VAL A 41 -23.76 12.89 -1.13
N ASP A 42 -25.05 12.89 -1.47
CA ASP A 42 -26.01 13.93 -1.05
C ASP A 42 -26.16 13.98 0.47
N LEU A 43 -25.88 12.85 1.16
CA LEU A 43 -26.01 12.74 2.62
C LEU A 43 -24.65 12.78 3.36
N LEU A 44 -23.54 12.92 2.62
CA LEU A 44 -22.21 12.95 3.22
C LEU A 44 -22.04 14.17 4.13
N ARG A 45 -21.80 13.92 5.42
CA ARG A 45 -21.67 14.97 6.43
C ARG A 45 -20.54 14.59 7.36
N ALA A 46 -19.83 15.63 7.83
CA ALA A 46 -18.69 15.52 8.74
C ALA A 46 -19.14 14.93 10.07
N GLY A 47 -18.46 13.88 10.53
CA GLY A 47 -18.79 13.27 11.81
C GLY A 47 -19.98 12.33 11.77
N GLU A 48 -20.61 12.16 10.59
CA GLU A 48 -21.73 11.23 10.42
C GLU A 48 -21.26 10.06 9.60
N VAL A 49 -21.71 8.87 9.99
CA VAL A 49 -21.42 7.62 9.29
C VAL A 49 -22.09 7.66 7.88
N PRO A 50 -21.31 7.50 6.80
CA PRO A 50 -21.91 7.53 5.44
C PRO A 50 -22.93 6.41 5.21
N LYS A 51 -23.96 6.72 4.44
CA LYS A 51 -25.06 5.82 4.14
C LYS A 51 -24.70 5.06 2.87
N PRO A 52 -24.81 3.71 2.88
CA PRO A 52 -24.50 2.96 1.64
C PRO A 52 -25.45 3.28 0.47
N PHE A 53 -24.89 3.33 -0.74
CA PHE A 53 -25.65 3.50 -1.97
C PHE A 53 -25.31 2.28 -2.82
N PRO A 54 -26.31 1.46 -3.24
CA PRO A 54 -27.76 1.60 -3.04
C PRO A 54 -28.22 1.22 -1.63
N THR A 55 -29.52 1.39 -1.33
CA THR A 55 -30.06 1.05 0.00
C THR A 55 -30.03 -0.46 0.26
N HIS A 56 -30.38 -1.27 -0.76
CA HIS A 56 -30.47 -2.74 -0.67
C HIS A 56 -29.39 -3.41 -1.46
N TYR A 57 -28.87 -4.51 -0.92
CA TYR A 57 -27.79 -5.30 -1.53
C TYR A 57 -28.05 -5.63 -3.00
N LYS A 58 -27.12 -5.25 -3.86
CA LYS A 58 -27.11 -5.56 -5.29
C LYS A 58 -25.85 -6.40 -5.52
N ASP A 59 -26.03 -7.57 -6.14
CA ASP A 59 -24.96 -8.53 -6.35
C ASP A 59 -24.49 -8.65 -7.79
N LEU A 60 -23.18 -8.75 -7.97
CA LEU A 60 -22.59 -9.06 -9.26
C LEU A 60 -21.57 -10.16 -9.03
N TRP A 61 -21.81 -11.34 -9.60
CA TRP A 61 -20.93 -12.50 -9.50
C TRP A 61 -20.42 -12.76 -10.93
N ASP A 62 -19.36 -12.04 -11.31
CA ASP A 62 -18.78 -12.11 -12.66
C ASP A 62 -17.25 -11.87 -12.65
N ASN A 63 -16.65 -11.72 -13.86
CA ASN A 63 -15.22 -11.54 -14.05
C ASN A 63 -14.71 -10.11 -13.79
N LYS A 64 -15.61 -9.12 -13.67
CA LYS A 64 -15.17 -7.73 -13.51
C LYS A 64 -15.42 -7.16 -12.12
N HIS A 65 -15.86 -8.02 -11.19
CA HIS A 65 -16.20 -7.55 -9.84
C HIS A 65 -15.73 -8.50 -8.75
N VAL A 66 -15.55 -7.96 -7.55
CA VAL A 66 -15.24 -8.74 -6.37
C VAL A 66 -16.37 -9.74 -6.19
N LYS A 67 -16.00 -11.01 -5.96
CA LYS A 67 -16.96 -12.06 -5.67
C LYS A 67 -17.20 -11.98 -4.17
N MET A 68 -18.37 -11.48 -3.78
CA MET A 68 -18.70 -11.27 -2.37
C MET A 68 -19.06 -12.55 -1.64
N PRO A 69 -18.65 -12.72 -0.35
CA PRO A 69 -19.05 -13.96 0.36
C PRO A 69 -20.54 -14.07 0.59
N CYS A 70 -21.25 -12.93 0.65
CA CYS A 70 -22.69 -12.89 0.93
C CYS A 70 -23.57 -13.14 -0.31
N SER A 71 -22.95 -13.31 -1.47
CA SER A 71 -23.66 -13.55 -2.74
C SER A 71 -24.44 -14.85 -2.72
N GLU A 72 -25.62 -14.83 -3.36
CA GLU A 72 -26.49 -16.01 -3.51
C GLU A 72 -25.82 -17.03 -4.42
N GLN A 73 -24.86 -16.59 -5.25
CA GLN A 73 -24.08 -17.48 -6.12
C GLN A 73 -22.88 -18.11 -5.42
N ASN A 74 -22.59 -17.69 -4.16
CA ASN A 74 -21.52 -18.27 -3.35
C ASN A 74 -22.07 -19.58 -2.76
N LEU A 75 -21.90 -20.67 -3.49
CA LEU A 75 -22.46 -21.96 -3.12
C LEU A 75 -21.42 -23.03 -2.88
N TYR A 76 -21.79 -24.06 -2.13
CA TYR A 76 -20.93 -25.21 -1.90
C TYR A 76 -21.67 -26.55 -2.17
N PRO A 77 -20.98 -27.60 -2.68
CA PRO A 77 -21.68 -28.88 -2.93
C PRO A 77 -21.94 -29.66 -1.63
N VAL A 78 -23.20 -30.14 -1.48
CA VAL A 78 -23.67 -30.93 -0.33
C VAL A 78 -24.23 -32.29 -0.83
N GLU A 79 -24.01 -33.36 -0.03
CA GLU A 79 -24.46 -34.74 -0.33
C GLU A 79 -24.68 -35.56 0.93
N GLU A 84 -26.90 -35.25 -2.69
CA GLU A 84 -26.66 -35.32 -4.13
C GLU A 84 -27.22 -34.09 -4.85
N ARG A 85 -26.35 -33.40 -5.66
CA ARG A 85 -26.62 -32.21 -6.49
C ARG A 85 -27.09 -30.95 -5.73
N THR A 86 -27.60 -31.10 -4.48
CA THR A 86 -28.07 -29.99 -3.64
C THR A 86 -26.93 -29.02 -3.26
N ALA A 87 -26.89 -27.86 -3.94
CA ALA A 87 -25.90 -26.82 -3.69
C ALA A 87 -26.40 -26.03 -2.49
N GLY A 88 -25.52 -25.85 -1.51
CA GLY A 88 -25.84 -25.12 -0.29
C GLY A 88 -25.31 -23.70 -0.33
N SER A 89 -25.89 -22.81 0.48
CA SER A 89 -25.49 -21.42 0.58
C SER A 89 -24.26 -21.29 1.47
N ARG A 90 -23.11 -20.93 0.90
CA ARG A 90 -21.90 -20.74 1.72
C ARG A 90 -22.07 -19.64 2.77
N TRP A 91 -22.82 -18.55 2.45
CA TRP A 91 -23.09 -17.44 3.37
C TRP A 91 -23.83 -17.90 4.61
N GLU A 92 -24.83 -18.76 4.45
CA GLU A 92 -25.59 -19.33 5.58
C GLU A 92 -24.66 -20.22 6.42
N LEU A 93 -23.72 -20.93 5.78
CA LEU A 93 -22.75 -21.76 6.48
C LEU A 93 -21.77 -20.87 7.29
N ILE A 94 -21.32 -19.75 6.70
CA ILE A 94 -20.45 -18.77 7.36
C ILE A 94 -21.12 -18.22 8.64
N GLN A 95 -22.40 -17.81 8.53
CA GLN A 95 -23.19 -17.27 9.65
C GLN A 95 -23.28 -18.27 10.80
N THR A 96 -23.66 -19.52 10.48
CA THR A 96 -23.80 -20.62 11.41
C THR A 96 -22.46 -20.88 12.09
N ALA A 97 -21.39 -20.98 11.32
CA ALA A 97 -20.05 -21.23 11.84
C ALA A 97 -19.54 -20.10 12.77
N LEU A 98 -19.73 -18.82 12.38
CA LEU A 98 -19.19 -17.70 13.17
C LEU A 98 -20.03 -17.29 14.36
N LEU A 99 -21.35 -17.64 14.39
CA LEU A 99 -22.23 -17.28 15.51
C LEU A 99 -22.20 -18.29 16.65
N ASN A 100 -21.01 -18.60 17.10
CA ASN A 100 -20.72 -19.49 18.22
C ASN A 100 -19.80 -18.74 19.17
N LYS A 101 -19.86 -19.07 20.46
CA LYS A 101 -18.96 -18.41 21.39
C LYS A 101 -17.61 -19.10 21.32
N PHE A 102 -16.57 -18.32 21.16
CA PHE A 102 -15.21 -18.85 21.09
C PHE A 102 -14.67 -18.66 22.50
N THR A 103 -14.21 -19.74 23.12
CA THR A 103 -13.60 -19.64 24.46
C THR A 103 -12.12 -20.02 24.40
N ARG A 104 -11.74 -20.78 23.35
CA ARG A 104 -10.40 -21.32 23.11
C ARG A 104 -10.01 -21.12 21.64
N PRO A 105 -8.70 -21.00 21.27
CA PRO A 105 -8.37 -20.76 19.86
C PRO A 105 -8.83 -21.84 18.88
N GLN A 106 -8.91 -23.09 19.33
CA GLN A 106 -9.41 -24.21 18.53
C GLN A 106 -10.80 -23.93 18.01
N ASN A 107 -11.66 -23.24 18.81
CA ASN A 107 -13.04 -22.91 18.42
C ASN A 107 -13.05 -21.96 17.24
N LEU A 108 -12.08 -21.03 17.18
CA LEU A 108 -11.97 -20.09 16.06
C LEU A 108 -11.45 -20.82 14.82
N LYS A 109 -10.40 -21.66 14.98
CA LYS A 109 -9.85 -22.45 13.90
C LYS A 109 -10.99 -23.33 13.28
N ASP A 110 -11.71 -24.07 14.13
CA ASP A 110 -12.82 -24.95 13.71
C ASP A 110 -13.91 -24.18 12.96
N ALA A 111 -14.27 -22.96 13.43
CA ALA A 111 -15.30 -22.12 12.81
C ALA A 111 -14.89 -21.73 11.38
N ILE A 112 -13.63 -21.28 11.19
CA ILE A 112 -13.07 -20.87 9.89
C ILE A 112 -13.04 -22.02 8.89
N LEU A 113 -12.67 -23.21 9.37
CA LEU A 113 -12.55 -24.40 8.54
C LEU A 113 -13.86 -25.02 8.09
N LYS A 114 -14.98 -24.71 8.76
CA LYS A 114 -16.32 -25.19 8.39
C LYS A 114 -16.68 -24.77 6.97
N TYR A 115 -16.26 -23.57 6.54
CA TYR A 115 -16.56 -23.11 5.19
C TYR A 115 -15.31 -23.06 4.32
N ASN A 116 -14.26 -23.77 4.74
CA ASN A 116 -12.96 -23.88 4.04
C ASN A 116 -12.44 -25.29 4.28
N VAL A 117 -13.35 -26.29 4.16
CA VAL A 117 -13.13 -27.73 4.39
C VAL A 117 -11.95 -28.27 3.57
N ALA A 118 -11.77 -27.77 2.33
CA ALA A 118 -10.69 -28.22 1.42
C ALA A 118 -9.26 -27.86 1.90
N TYR A 119 -9.17 -26.93 2.86
CA TYR A 119 -7.92 -26.38 3.40
C TYR A 119 -7.70 -26.80 4.83
N SER A 120 -8.51 -27.74 5.35
CA SER A 120 -8.40 -28.23 6.72
C SER A 120 -7.04 -28.89 7.03
N LYS A 121 -6.37 -29.45 6.01
CA LYS A 121 -5.05 -30.06 6.23
C LYS A 121 -3.95 -29.19 5.63
N LYS A 122 -4.32 -28.05 5.05
CA LYS A 122 -3.34 -27.18 4.41
C LYS A 122 -3.08 -25.90 5.19
N TRP A 123 -4.10 -25.42 5.95
CA TRP A 123 -3.95 -24.18 6.70
C TRP A 123 -3.51 -24.43 8.13
N ASP A 124 -2.37 -23.86 8.48
CA ASP A 124 -1.80 -23.97 9.82
C ASP A 124 -2.26 -22.78 10.66
N PHE A 125 -2.66 -23.02 11.93
CA PHE A 125 -3.18 -22.02 12.87
C PHE A 125 -2.30 -21.76 14.10
N THR A 126 -1.06 -22.27 14.07
CA THR A 126 -0.03 -22.17 15.12
C THR A 126 0.17 -20.77 15.65
N ALA A 127 0.34 -19.78 14.77
CA ALA A 127 0.55 -18.39 15.23
C ALA A 127 -0.66 -17.86 15.97
N LEU A 128 -1.86 -18.22 15.51
CA LEU A 128 -3.11 -17.76 16.12
C LEU A 128 -3.31 -18.40 17.50
N ILE A 129 -3.06 -19.73 17.57
CA ILE A 129 -3.15 -20.50 18.81
C ILE A 129 -2.10 -19.97 19.82
N ASP A 130 -0.84 -19.79 19.40
CA ASP A 130 0.22 -19.28 20.26
C ASP A 130 -0.04 -17.82 20.69
N PHE A 131 -0.60 -16.98 19.82
CA PHE A 131 -0.89 -15.59 20.22
C PHE A 131 -1.89 -15.57 21.38
N TRP A 132 -2.98 -16.31 21.22
CA TRP A 132 -4.11 -16.39 22.16
C TRP A 132 -3.72 -17.10 23.46
N ASP A 133 -3.09 -18.27 23.35
CA ASP A 133 -2.67 -19.08 24.50
C ASP A 133 -1.33 -18.74 25.14
N LYS A 134 -0.32 -18.36 24.33
CA LYS A 134 1.05 -18.20 24.83
C LYS A 134 1.61 -16.78 24.87
N VAL A 135 0.97 -15.81 24.23
CA VAL A 135 1.48 -14.44 24.20
C VAL A 135 0.61 -13.56 25.11
N LEU A 136 -0.70 -13.57 24.86
CA LEU A 136 -1.66 -12.79 25.64
C LEU A 136 -1.78 -13.21 27.08
N GLU A 137 -1.95 -12.24 27.97
CA GLU A 137 -2.23 -12.47 29.39
C GLU A 137 -3.69 -12.94 29.45
N GLU A 138 -4.10 -13.55 30.56
CA GLU A 138 -5.45 -14.08 30.76
C GLU A 138 -6.56 -13.05 30.42
N ALA A 139 -6.44 -11.84 30.98
CA ALA A 139 -7.40 -10.75 30.79
C ALA A 139 -7.42 -10.25 29.34
N GLU A 140 -6.25 -10.19 28.67
CA GLU A 140 -6.16 -9.79 27.26
C GLU A 140 -6.86 -10.83 26.36
N ALA A 141 -6.67 -12.12 26.65
CA ALA A 141 -7.28 -13.21 25.87
C ALA A 141 -8.79 -13.20 26.09
N GLN A 142 -9.23 -12.98 27.34
CA GLN A 142 -10.65 -12.89 27.70
C GLN A 142 -11.30 -11.73 26.93
N HIS A 143 -10.64 -10.56 26.93
CA HIS A 143 -11.17 -9.41 26.20
C HIS A 143 -11.31 -9.72 24.68
N LEU A 144 -10.33 -10.46 24.12
CA LEU A 144 -10.32 -10.88 22.72
C LEU A 144 -11.51 -11.78 22.38
N TYR A 145 -11.74 -12.81 23.17
CA TYR A 145 -12.79 -13.76 22.83
C TYR A 145 -14.17 -13.34 23.34
N GLN A 146 -14.24 -12.48 24.36
CA GLN A 146 -15.53 -12.05 24.86
C GLN A 146 -16.02 -10.80 24.18
N SER A 147 -15.10 -9.94 23.72
CA SER A 147 -15.52 -8.69 23.13
C SER A 147 -15.02 -8.44 21.70
N ILE A 148 -13.70 -8.47 21.43
CA ILE A 148 -13.16 -8.19 20.09
C ILE A 148 -13.69 -9.16 19.00
N LEU A 149 -13.48 -10.49 19.13
CA LEU A 149 -13.91 -11.48 18.13
C LEU A 149 -15.43 -11.46 17.88
N PRO A 150 -16.33 -11.48 18.91
CA PRO A 150 -17.77 -11.34 18.63
C PRO A 150 -18.10 -10.02 17.92
N ASP A 151 -17.43 -8.89 18.26
CA ASP A 151 -17.68 -7.63 17.56
C ASP A 151 -17.17 -7.67 16.10
N MET A 152 -16.11 -8.48 15.81
CA MET A 152 -15.58 -8.64 14.45
C MET A 152 -16.54 -9.49 13.61
N VAL A 153 -17.09 -10.54 14.22
CA VAL A 153 -18.11 -11.41 13.57
C VAL A 153 -19.35 -10.57 13.18
N LYS A 154 -19.84 -9.73 14.07
CA LYS A 154 -21.06 -8.94 13.77
C LYS A 154 -20.87 -7.97 12.61
N ILE A 155 -19.75 -7.31 12.56
CA ILE A 155 -19.48 -6.40 11.45
C ILE A 155 -19.19 -7.18 10.16
N ALA A 156 -18.57 -8.39 10.26
CA ALA A 156 -18.32 -9.23 9.09
C ALA A 156 -19.68 -9.68 8.54
N LEU A 157 -20.58 -10.12 9.43
CA LEU A 157 -21.91 -10.59 9.01
C LEU A 157 -22.84 -9.48 8.57
N CYS A 158 -22.54 -8.20 8.91
CA CYS A 158 -23.32 -7.05 8.43
C CYS A 158 -23.00 -6.67 6.97
N LEU A 159 -22.01 -7.35 6.35
CA LEU A 159 -21.53 -7.05 5.00
C LEU A 159 -22.64 -6.73 3.97
N PRO A 160 -23.70 -7.58 3.74
CA PRO A 160 -24.73 -7.23 2.74
C PRO A 160 -25.46 -5.90 2.96
N ASN A 161 -25.49 -5.42 4.20
CA ASN A 161 -26.15 -4.16 4.57
C ASN A 161 -25.24 -2.96 4.48
N ILE A 162 -23.94 -3.19 4.52
CA ILE A 162 -22.89 -2.18 4.51
C ILE A 162 -22.34 -1.97 3.11
N CYS A 163 -21.99 -3.07 2.41
CA CYS A 163 -21.42 -3.02 1.06
C CYS A 163 -22.50 -3.47 0.10
N THR A 164 -23.42 -2.56 -0.23
CA THR A 164 -24.58 -2.87 -1.06
C THR A 164 -24.29 -2.76 -2.56
N GLN A 165 -23.16 -2.11 -2.92
CA GLN A 165 -22.79 -1.88 -4.32
C GLN A 165 -21.68 -2.80 -4.76
N PRO A 166 -21.84 -3.47 -5.94
CA PRO A 166 -20.74 -4.32 -6.45
C PRO A 166 -19.43 -3.55 -6.54
N ILE A 167 -18.34 -4.20 -6.14
CA ILE A 167 -17.01 -3.58 -6.13
C ILE A 167 -16.25 -3.97 -7.40
N PRO A 168 -15.96 -3.03 -8.31
CA PRO A 168 -15.21 -3.42 -9.52
C PRO A 168 -13.76 -3.68 -9.20
N LEU A 169 -13.20 -4.62 -9.92
CA LEU A 169 -11.80 -4.95 -9.84
C LEU A 169 -11.03 -3.86 -10.57
N LEU A 170 -9.94 -3.40 -9.96
CA LEU A 170 -9.04 -2.41 -10.55
C LEU A 170 -8.04 -3.26 -11.33
N ALA A 171 -8.49 -3.71 -12.50
CA ALA A 171 -7.76 -4.58 -13.43
C ALA A 171 -6.67 -3.85 -14.17
N ALA A 172 -5.73 -4.61 -14.71
CA ALA A 172 -4.61 -4.10 -15.50
C ALA A 172 -5.08 -3.18 -16.63
N ALA A 173 -4.41 -2.03 -16.79
CA ALA A 173 -4.65 -0.98 -17.82
C ALA A 173 -5.88 -0.12 -17.54
N MET A 174 -6.63 -0.42 -16.47
CA MET A 174 -7.78 0.39 -16.10
C MET A 174 -7.29 1.65 -15.37
N ASN A 175 -7.92 2.79 -15.67
CA ASN A 175 -7.70 4.08 -15.02
C ASN A 175 -9.01 4.29 -14.34
N HIS A 176 -9.13 3.81 -13.10
CA HIS A 176 -10.39 3.81 -12.40
C HIS A 176 -10.21 4.05 -10.92
N SER A 177 -11.20 4.70 -10.27
CA SER A 177 -11.18 5.00 -8.86
C SER A 177 -12.36 4.40 -8.14
N ILE A 178 -12.16 3.98 -6.90
CA ILE A 178 -13.21 3.48 -6.01
C ILE A 178 -13.21 4.34 -4.74
N THR A 179 -14.33 4.96 -4.38
CA THR A 179 -14.49 5.68 -3.13
C THR A 179 -15.53 4.94 -2.31
N MET A 180 -15.11 4.56 -1.11
CA MET A 180 -15.88 3.80 -0.14
C MET A 180 -15.68 4.32 1.27
N SER A 181 -16.59 4.01 2.17
CA SER A 181 -16.45 4.46 3.55
C SER A 181 -15.50 3.57 4.35
N GLN A 182 -14.90 4.16 5.40
CA GLN A 182 -14.02 3.41 6.28
C GLN A 182 -14.84 2.31 6.94
N GLU A 183 -16.15 2.55 7.18
CA GLU A 183 -17.02 1.51 7.76
C GLU A 183 -17.17 0.29 6.80
N GLN A 184 -17.37 0.55 5.48
CA GLN A 184 -17.41 -0.52 4.47
C GLN A 184 -16.10 -1.33 4.48
N ILE A 185 -14.95 -0.62 4.65
CA ILE A 185 -13.63 -1.25 4.70
C ILE A 185 -13.51 -2.18 5.91
N ALA A 186 -13.97 -1.71 7.10
CA ALA A 186 -13.92 -2.52 8.33
C ALA A 186 -14.71 -3.82 8.16
N SER A 187 -15.90 -3.75 7.53
CA SER A 187 -16.73 -4.95 7.32
C SER A 187 -16.04 -5.93 6.38
N LEU A 188 -15.49 -5.40 5.28
CA LEU A 188 -14.71 -6.18 4.35
C LEU A 188 -13.43 -6.80 4.99
N LEU A 189 -12.72 -6.04 5.81
CA LEU A 189 -11.50 -6.56 6.42
C LEU A 189 -11.81 -7.62 7.52
N ALA A 190 -12.98 -7.50 8.24
CA ALA A 190 -13.37 -8.51 9.24
C ALA A 190 -13.69 -9.84 8.46
N ASN A 191 -14.21 -9.71 7.23
CA ASN A 191 -14.42 -10.86 6.36
C ASN A 191 -13.09 -11.51 5.97
N ALA A 192 -12.07 -10.68 5.62
CA ALA A 192 -10.74 -11.18 5.23
C ALA A 192 -10.09 -11.87 6.44
N PHE A 193 -10.32 -11.35 7.66
CA PHE A 193 -9.83 -12.03 8.86
C PHE A 193 -10.46 -13.42 9.00
N PHE A 194 -11.80 -13.53 8.78
CA PHE A 194 -12.52 -14.80 8.92
C PHE A 194 -12.38 -15.71 7.69
N CYS A 195 -11.56 -15.28 6.69
CA CYS A 195 -11.22 -16.02 5.45
C CYS A 195 -12.48 -16.41 4.67
N THR A 196 -13.41 -15.43 4.49
CA THR A 196 -14.70 -15.68 3.83
C THR A 196 -14.75 -15.38 2.34
N PHE A 197 -13.74 -14.67 1.80
CA PHE A 197 -13.81 -14.34 0.36
C PHE A 197 -13.65 -15.56 -0.51
N PRO A 198 -14.65 -15.87 -1.36
CA PRO A 198 -14.56 -17.08 -2.19
C PRO A 198 -13.65 -16.91 -3.40
N ARG A 199 -13.05 -18.02 -3.85
CA ARG A 199 -12.17 -18.13 -5.03
C ARG A 199 -10.82 -17.44 -4.87
N ARG A 200 -10.44 -17.11 -3.65
CA ARG A 200 -9.20 -16.40 -3.36
C ARG A 200 -8.17 -17.28 -2.62
N ASN A 201 -8.41 -18.59 -2.55
CA ASN A 201 -7.60 -19.50 -1.75
C ASN A 201 -6.70 -20.49 -2.47
N ALA A 202 -7.11 -21.01 -3.63
CA ALA A 202 -6.36 -22.05 -4.31
C ALA A 202 -5.02 -21.60 -4.89
N LYS A 203 -3.97 -22.41 -4.71
CA LYS A 203 -2.62 -22.10 -5.23
C LYS A 203 -2.60 -22.16 -6.76
N MET A 204 -3.48 -23.03 -7.34
CA MET A 204 -3.62 -23.26 -8.79
C MET A 204 -4.85 -22.54 -9.40
N LYS A 205 -5.38 -21.49 -8.71
CA LYS A 205 -6.51 -20.72 -9.23
C LYS A 205 -6.04 -19.87 -10.43
N SER A 206 -6.87 -19.76 -11.49
N SER A 206 -6.87 -19.81 -11.50
CA SER A 206 -6.48 -18.96 -12.64
CA SER A 206 -6.59 -19.04 -12.70
C SER A 206 -7.17 -17.59 -12.62
C SER A 206 -7.15 -17.64 -12.51
N GLU A 207 -8.45 -17.56 -12.19
N GLU A 207 -8.47 -17.51 -12.18
CA GLU A 207 -9.30 -16.38 -12.12
CA GLU A 207 -9.01 -16.19 -11.90
C GLU A 207 -8.65 -15.17 -11.41
C GLU A 207 -8.45 -15.85 -10.54
N TYR A 208 -8.05 -15.42 -10.23
N TYR A 208 -7.90 -14.63 -10.42
CA TYR A 208 -7.42 -14.42 -9.37
CA TYR A 208 -7.25 -14.11 -9.23
C TYR A 208 -5.94 -14.66 -9.14
C TYR A 208 -5.81 -14.55 -9.10
N SER A 209 -5.27 -15.33 -10.08
CA SER A 209 -3.85 -15.72 -10.03
C SER A 209 -2.94 -14.48 -10.08
N SER A 210 -3.42 -13.39 -10.67
CA SER A 210 -2.71 -12.15 -10.81
C SER A 210 -3.19 -11.10 -9.78
N TYR A 211 -3.87 -11.55 -8.70
CA TYR A 211 -4.37 -10.74 -7.60
C TYR A 211 -3.70 -11.18 -6.33
N PRO A 212 -3.47 -10.24 -5.38
CA PRO A 212 -2.83 -10.63 -4.13
C PRO A 212 -3.80 -11.43 -3.24
N ASP A 213 -3.26 -12.10 -2.21
CA ASP A 213 -4.09 -12.83 -1.27
C ASP A 213 -4.87 -11.82 -0.45
N ILE A 214 -6.10 -12.12 -0.12
CA ILE A 214 -6.90 -11.21 0.71
C ILE A 214 -7.28 -11.90 2.03
N ASN A 215 -7.65 -13.19 2.02
CA ASN A 215 -7.97 -13.93 3.25
C ASN A 215 -6.73 -13.99 4.12
N PHE A 216 -6.91 -13.84 5.44
CA PHE A 216 -5.78 -13.72 6.39
C PHE A 216 -5.16 -15.03 6.87
N ASN A 217 -5.54 -16.18 6.30
CA ASN A 217 -5.09 -17.47 6.86
C ASN A 217 -3.56 -17.58 7.05
N ARG A 218 -2.73 -17.00 6.16
CA ARG A 218 -1.25 -17.07 6.33
C ARG A 218 -0.73 -16.30 7.55
N LEU A 219 -1.54 -15.40 8.11
N LEU A 219 -1.54 -15.38 8.12
CA LEU A 219 -1.17 -14.65 9.30
CA LEU A 219 -1.18 -14.64 9.32
C LEU A 219 -1.26 -15.55 10.54
C LEU A 219 -1.25 -15.55 10.55
N PHE A 220 -1.97 -16.68 10.43
CA PHE A 220 -2.17 -17.63 11.53
C PHE A 220 -1.18 -18.79 11.50
N GLU A 221 -0.30 -18.87 10.50
CA GLU A 221 0.62 -19.99 10.42
C GLU A 221 2.00 -19.74 11.03
N GLY A 222 2.66 -20.83 11.42
CA GLY A 222 4.05 -20.81 11.90
C GLY A 222 4.32 -20.22 13.26
N ARG A 223 5.61 -20.05 13.59
N ARG A 223 5.61 -20.07 13.59
CA ARG A 223 6.07 -19.60 14.90
CA ARG A 223 6.07 -19.60 14.90
C ARG A 223 6.96 -18.35 14.90
C ARG A 223 6.99 -18.38 14.88
N SER A 224 6.89 -17.52 13.85
CA SER A 224 7.70 -16.28 13.82
C SER A 224 7.32 -15.41 15.03
N SER A 225 8.32 -14.84 15.71
CA SER A 225 8.12 -13.95 16.86
C SER A 225 7.41 -12.66 16.42
N ARG A 226 7.36 -12.41 15.10
CA ARG A 226 6.74 -11.23 14.53
C ARG A 226 5.25 -11.37 14.31
N LYS A 227 4.71 -12.60 14.23
CA LYS A 227 3.26 -12.80 14.08
C LYS A 227 2.45 -12.21 15.22
N PRO A 228 2.79 -12.38 16.53
CA PRO A 228 1.99 -11.73 17.58
C PRO A 228 1.97 -10.21 17.45
N GLU A 229 3.03 -9.63 16.88
CA GLU A 229 3.16 -8.19 16.69
C GLU A 229 2.22 -7.74 15.58
N LYS A 230 2.12 -8.54 14.49
CA LYS A 230 1.22 -8.27 13.37
C LYS A 230 -0.23 -8.39 13.85
N LEU A 231 -0.51 -9.40 14.69
CA LEU A 231 -1.82 -9.67 15.25
C LEU A 231 -2.25 -8.61 16.23
N LYS A 232 -1.32 -8.10 17.07
CA LYS A 232 -1.59 -7.02 18.03
C LYS A 232 -1.93 -5.76 17.24
N THR A 233 -1.20 -5.50 16.16
CA THR A 233 -1.46 -4.33 15.33
C THR A 233 -2.86 -4.40 14.68
N LEU A 234 -3.25 -5.56 14.15
CA LEU A 234 -4.54 -5.74 13.51
C LEU A 234 -5.68 -5.75 14.49
N PHE A 235 -5.56 -6.44 15.63
CA PHE A 235 -6.61 -6.40 16.69
C PHE A 235 -6.79 -4.99 17.28
N 6WK A 236 -5.75 -4.15 17.23
CA 6WK A 236 -5.83 -2.76 17.69
CB 6WK A 236 -4.46 -2.08 17.76
SG 6WK A 236 -4.55 -0.29 18.15
C 6WK A 236 -6.80 -2.02 16.75
O 6WK A 236 -7.71 -1.37 17.22
S3 6WK A 236 -4.08 -6.79 21.15
C1 6WK A 236 -3.99 -5.02 20.76
C2 6WK A 236 -5.24 -4.16 20.76
O4 6WK A 236 -6.34 -4.84 21.39
C3 6WK A 236 -5.05 -2.77 21.37
O3 6WK A 236 -5.37 -2.77 22.76
C4 6WK A 236 -5.82 -1.66 20.67
SD 6WK A 236 -4.79 -0.23 20.18
N TYR A 237 -6.63 -2.22 15.44
CA TYR A 237 -7.50 -1.65 14.42
C TYR A 237 -8.92 -2.18 14.61
N PHE A 238 -9.09 -3.50 14.69
CA PHE A 238 -10.43 -4.09 14.83
C PHE A 238 -11.14 -3.68 16.08
N ARG A 239 -10.42 -3.57 17.19
CA ARG A 239 -11.02 -3.07 18.44
C ARG A 239 -11.52 -1.63 18.26
N ARG A 240 -10.73 -0.77 17.60
CA ARG A 240 -11.11 0.62 17.37
C ARG A 240 -12.36 0.75 16.48
N VAL A 241 -12.38 0.09 15.33
CA VAL A 241 -13.46 0.31 14.36
C VAL A 241 -14.77 -0.41 14.73
N THR A 242 -14.73 -1.45 15.58
CA THR A 242 -15.96 -2.13 16.01
C THR A 242 -16.60 -1.43 17.20
N ALA A 243 -15.80 -0.74 18.03
CA ALA A 243 -16.25 0.01 19.20
C ALA A 243 -16.96 1.29 18.71
N ALA A 244 -16.30 2.07 17.82
CA ALA A 244 -16.86 3.29 17.24
C ALA A 244 -16.64 3.28 15.72
N ALA A 245 -17.75 3.30 14.95
CA ALA A 245 -17.70 3.30 13.48
C ALA A 245 -16.95 4.50 12.94
N PRO A 246 -15.89 4.29 12.12
CA PRO A 246 -15.21 5.45 11.52
C PRO A 246 -16.16 6.15 10.54
N THR A 247 -16.01 7.46 10.41
CA THR A 247 -16.92 8.27 9.62
C THR A 247 -16.40 8.76 8.25
N GLY A 248 -15.13 8.53 7.95
CA GLY A 248 -14.61 9.06 6.69
C GLY A 248 -14.74 8.15 5.49
N LEU A 249 -14.13 8.61 4.38
CA LEU A 249 -14.06 7.94 3.08
C LEU A 249 -12.60 7.72 2.75
N VAL A 250 -12.37 6.78 1.86
CA VAL A 250 -11.05 6.39 1.32
C VAL A 250 -11.26 6.19 -0.18
N THR A 251 -10.34 6.72 -0.99
CA THR A 251 -10.34 6.55 -2.46
C THR A 251 -9.13 5.70 -2.88
N PHE A 252 -9.36 4.75 -3.79
CA PHE A 252 -8.34 3.89 -4.35
C PHE A 252 -8.34 4.15 -5.85
N THR A 253 -7.21 4.58 -6.39
CA THR A 253 -7.11 4.92 -7.81
C THR A 253 -6.02 4.12 -8.46
N ARG A 254 -6.37 3.38 -9.52
CA ARG A 254 -5.37 2.71 -10.32
C ARG A 254 -5.03 3.69 -11.46
N GLN A 255 -3.73 4.00 -11.61
CA GLN A 255 -3.27 4.92 -12.64
C GLN A 255 -2.29 4.20 -13.57
N SER A 256 -2.53 4.26 -14.88
CA SER A 256 -1.76 3.63 -15.95
C SER A 256 -1.38 4.65 -16.99
N LEU A 257 -0.07 4.90 -17.20
CA LEU A 257 0.33 5.87 -18.22
C LEU A 257 0.63 5.19 -19.56
N GLU A 258 0.31 5.89 -20.65
CA GLU A 258 0.55 5.49 -22.03
C GLU A 258 1.76 6.28 -22.55
N ASP A 259 1.70 7.62 -22.40
CA ASP A 259 2.72 8.55 -22.85
C ASP A 259 3.78 8.84 -21.78
N PHE A 260 4.98 8.26 -21.98
CA PHE A 260 6.12 8.48 -21.10
C PHE A 260 7.09 9.44 -21.75
N PRO A 261 7.81 10.25 -20.95
CA PRO A 261 8.74 11.20 -21.56
C PRO A 261 9.91 10.51 -22.26
N GLU A 262 10.45 11.20 -23.27
CA GLU A 262 11.67 10.82 -23.97
C GLU A 262 12.70 11.51 -23.10
N TRP A 263 13.18 10.80 -22.05
CA TRP A 263 14.07 11.27 -20.99
C TRP A 263 15.29 12.01 -21.47
N GLU A 264 15.99 11.47 -22.47
CA GLU A 264 17.19 12.05 -23.04
C GLU A 264 16.94 13.47 -23.59
N ARG A 265 15.67 13.78 -23.96
CA ARG A 265 15.24 15.06 -24.49
C ARG A 265 14.50 15.97 -23.49
N CYS A 266 14.37 15.52 -22.22
CA CYS A 266 13.67 16.31 -21.20
C CYS A 266 14.43 17.56 -20.81
N GLU A 267 13.88 18.73 -21.14
CA GLU A 267 14.51 20.02 -20.88
C GLU A 267 14.21 20.61 -19.51
N LYS A 268 13.44 19.89 -18.69
CA LYS A 268 13.06 20.32 -17.34
C LYS A 268 14.23 20.40 -16.36
N PRO A 269 14.30 21.46 -15.54
CA PRO A 269 15.37 21.51 -14.55
C PRO A 269 14.99 20.68 -13.30
N LEU A 270 15.98 20.40 -12.44
CA LEU A 270 15.71 19.71 -11.19
C LEU A 270 14.89 20.61 -10.25
N THR A 271 14.11 19.99 -9.35
CA THR A 271 13.28 20.71 -8.38
C THR A 271 14.02 20.80 -7.02
N ARG A 272 13.37 21.26 -5.95
CA ARG A 272 14.02 21.42 -4.66
C ARG A 272 14.17 20.06 -3.95
N LEU A 273 15.08 20.01 -2.96
CA LEU A 273 15.34 18.80 -2.19
C LEU A 273 15.56 19.10 -0.73
N HIS A 274 14.94 18.29 0.11
CA HIS A 274 15.16 18.23 1.54
C HIS A 274 15.59 16.76 1.76
N VAL A 275 16.78 16.54 2.30
CA VAL A 275 17.27 15.17 2.53
C VAL A 275 17.69 15.04 4.00
N THR A 276 17.24 13.98 4.66
CA THR A 276 17.53 13.77 6.07
C THR A 276 17.77 12.32 6.41
N TYR A 277 18.66 12.05 7.36
CA TYR A 277 18.85 10.67 7.81
C TYR A 277 17.95 10.38 9.03
N GLU A 278 17.17 11.38 9.47
CA GLU A 278 16.25 11.21 10.60
C GLU A 278 14.83 11.42 10.16
N GLY A 279 13.89 10.88 10.91
CA GLY A 279 12.47 11.04 10.60
C GLY A 279 11.88 9.92 9.77
N THR A 280 10.56 9.96 9.56
CA THR A 280 9.88 8.93 8.78
C THR A 280 8.95 9.57 7.79
N ILE A 281 8.59 8.83 6.73
CA ILE A 281 7.64 9.29 5.72
C ILE A 281 6.24 9.62 6.36
N GLU A 282 5.70 8.75 7.24
CA GLU A 282 4.36 8.97 7.81
C GLU A 282 4.26 10.11 8.81
N GLU A 283 5.34 10.42 9.56
CA GLU A 283 5.30 11.51 10.54
C GLU A 283 5.78 12.84 9.99
N ASN A 284 6.93 12.83 9.30
CA ASN A 284 7.56 14.03 8.77
C ASN A 284 7.14 14.36 7.36
N GLY A 285 6.41 13.47 6.70
CA GLY A 285 5.90 13.67 5.37
C GLY A 285 4.40 13.91 5.32
N GLN A 286 3.82 14.52 6.37
CA GLN A 286 2.38 14.82 6.44
C GLN A 286 1.98 15.87 5.40
N GLY A 287 0.85 15.65 4.72
CA GLY A 287 0.39 16.57 3.69
C GLY A 287 1.21 16.46 2.40
N MET A 288 2.08 15.42 2.30
CA MET A 288 2.91 15.22 1.12
C MET A 288 2.52 13.90 0.52
N LEU A 289 2.79 13.70 -0.78
CA LEU A 289 2.56 12.40 -1.42
C LEU A 289 3.54 11.42 -0.79
N GLN A 290 3.05 10.42 -0.10
CA GLN A 290 3.91 9.47 0.61
C GLN A 290 4.13 8.23 -0.18
N VAL A 291 5.39 7.84 -0.35
CA VAL A 291 5.71 6.68 -1.14
C VAL A 291 5.69 5.40 -0.32
N ASP A 292 5.05 4.37 -0.90
CA ASP A 292 4.99 3.00 -0.42
C ASP A 292 5.92 2.20 -1.34
N PHE A 293 7.01 1.60 -0.81
CA PHE A 293 7.99 0.83 -1.60
C PHE A 293 7.38 -0.54 -1.74
N ALA A 294 6.46 -0.61 -2.66
CA ALA A 294 5.58 -1.73 -2.88
C ALA A 294 6.17 -2.92 -3.63
N ASN A 295 5.43 -4.03 -3.58
CA ASN A 295 5.65 -5.21 -4.40
C ASN A 295 4.62 -5.04 -5.54
N ARG A 296 4.84 -5.68 -6.71
CA ARG A 296 3.87 -5.63 -7.81
C ARG A 296 2.43 -6.08 -7.33
N PHE A 297 2.39 -7.04 -6.38
CA PHE A 297 1.18 -7.45 -5.67
C PHE A 297 1.15 -6.50 -4.43
N VAL A 298 0.32 -5.45 -4.46
CA VAL A 298 0.24 -4.40 -3.42
C VAL A 298 0.09 -4.99 -2.03
N GLY A 299 0.88 -4.48 -1.09
CA GLY A 299 0.87 -4.98 0.29
C GLY A 299 1.91 -6.04 0.57
N GLY A 300 2.53 -6.57 -0.48
CA GLY A 300 3.57 -7.60 -0.37
C GLY A 300 3.15 -8.76 0.50
N GLY A 301 3.92 -9.02 1.56
CA GLY A 301 3.61 -10.11 2.48
C GLY A 301 2.89 -9.71 3.75
N VAL A 302 2.08 -8.63 3.70
CA VAL A 302 1.35 -8.14 4.87
C VAL A 302 0.48 -9.22 5.52
N THR A 303 -0.27 -10.02 4.73
CA THR A 303 -1.19 -11.06 5.22
C THR A 303 -0.44 -12.40 5.46
N SER A 304 0.90 -12.38 5.32
CA SER A 304 1.73 -13.56 5.52
C SER A 304 2.94 -13.24 6.41
N ALA A 305 4.19 -13.27 5.88
CA ALA A 305 5.41 -13.10 6.69
C ALA A 305 6.18 -11.75 6.57
N GLY A 306 5.96 -10.98 5.50
CA GLY A 306 6.69 -9.73 5.30
C GLY A 306 6.51 -8.70 6.41
N LEU A 307 7.60 -8.00 6.79
CA LEU A 307 7.53 -6.96 7.81
C LEU A 307 8.48 -5.79 7.54
N VAL A 308 8.62 -5.45 6.24
CA VAL A 308 9.49 -4.32 5.89
C VAL A 308 8.60 -3.11 5.59
N GLN A 309 9.12 -2.08 4.91
CA GLN A 309 8.46 -0.79 4.67
C GLN A 309 6.96 -0.88 4.31
N GLU A 310 6.60 -1.56 3.24
CA GLU A 310 5.21 -1.68 2.81
C GLU A 310 4.28 -2.34 3.84
N GLU A 311 4.72 -3.50 4.37
CA GLU A 311 3.91 -4.27 5.30
C GLU A 311 3.59 -3.51 6.52
N ILE A 312 4.60 -2.80 7.07
CA ILE A 312 4.40 -2.01 8.26
C ILE A 312 3.35 -0.93 7.98
N ARG A 313 3.45 -0.23 6.83
CA ARG A 313 2.45 0.83 6.54
C ARG A 313 1.05 0.24 6.46
N PHE A 314 0.92 -0.96 5.86
CA PHE A 314 -0.37 -1.64 5.71
C PHE A 314 -0.94 -2.13 7.05
N LEU A 315 -0.06 -2.35 8.03
CA LEU A 315 -0.51 -2.78 9.37
C LEU A 315 -0.97 -1.60 10.20
N ILE A 316 -0.23 -0.46 10.13
CA ILE A 316 -0.57 0.73 10.93
C ILE A 316 -1.70 1.51 10.30
N ASN A 317 -1.87 1.40 8.94
CA ASN A 317 -2.97 1.97 8.15
C ASN A 317 -3.70 0.76 7.52
N PRO A 318 -4.46 -0.04 8.31
CA PRO A 318 -5.07 -1.29 7.78
C PRO A 318 -6.01 -1.14 6.61
N GLU A 319 -6.61 0.05 6.41
CA GLU A 319 -7.53 0.29 5.30
C GLU A 319 -6.85 0.08 3.94
N LEU A 320 -5.50 0.23 3.90
CA LEU A 320 -4.65 -0.01 2.72
C LEU A 320 -4.75 -1.48 2.34
N ILE A 321 -4.86 -2.42 3.35
CA ILE A 321 -4.96 -3.86 3.10
C ILE A 321 -6.09 -4.22 2.15
N ILE A 322 -7.23 -3.48 2.19
CA ILE A 322 -8.37 -3.83 1.33
C ILE A 322 -8.05 -3.61 -0.16
N SER A 323 -6.97 -2.85 -0.47
CA SER A 323 -6.60 -2.73 -1.88
C SER A 323 -6.32 -4.13 -2.49
N ARG A 324 -5.99 -5.10 -1.64
CA ARG A 324 -5.65 -6.47 -2.07
C ARG A 324 -6.85 -7.23 -2.59
N LEU A 325 -8.04 -6.80 -2.16
CA LEU A 325 -9.29 -7.42 -2.62
C LEU A 325 -9.53 -7.15 -4.11
N PHE A 326 -9.28 -5.90 -4.54
CA PHE A 326 -9.64 -5.53 -5.91
C PHE A 326 -8.49 -5.06 -6.80
N THR A 327 -7.24 -4.97 -6.32
CA THR A 327 -6.14 -4.47 -7.13
C THR A 327 -5.34 -5.57 -7.79
N GLU A 328 -5.36 -5.61 -9.11
CA GLU A 328 -4.59 -6.60 -9.87
C GLU A 328 -3.12 -6.21 -9.80
N VAL A 329 -2.26 -7.20 -9.99
CA VAL A 329 -0.82 -7.02 -10.02
C VAL A 329 -0.45 -5.81 -10.89
N LEU A 330 0.40 -4.90 -10.37
CA LEU A 330 0.81 -3.72 -11.13
C LEU A 330 1.71 -4.06 -12.32
N ASP A 331 1.43 -3.47 -13.48
CA ASP A 331 2.32 -3.62 -14.64
C ASP A 331 3.36 -2.50 -14.52
N HIS A 332 4.40 -2.54 -15.36
CA HIS A 332 5.49 -1.57 -15.35
C HIS A 332 5.02 -0.12 -15.46
N ASN A 333 3.87 0.12 -16.11
CA ASN A 333 3.40 1.48 -16.32
C ASN A 333 2.27 1.92 -15.38
N GLU A 334 2.11 1.21 -14.25
CA GLU A 334 1.00 1.46 -13.32
C GLU A 334 1.41 1.72 -11.89
N CYS A 335 0.56 2.41 -11.16
CA CYS A 335 0.72 2.63 -9.73
C CYS A 335 -0.67 2.62 -9.10
N LEU A 336 -0.73 2.53 -7.78
CA LEU A 336 -2.00 2.62 -7.02
C LEU A 336 -1.88 3.82 -6.07
N ILE A 337 -2.84 4.75 -6.14
CA ILE A 337 -2.86 5.93 -5.28
C ILE A 337 -3.99 5.73 -4.28
N ILE A 338 -3.65 5.83 -2.99
N ILE A 338 -3.66 5.78 -2.98
CA ILE A 338 -4.61 5.63 -1.89
CA ILE A 338 -4.68 5.62 -1.92
C ILE A 338 -4.71 6.91 -1.06
C ILE A 338 -4.74 6.86 -1.05
N THR A 339 -5.89 7.52 -1.07
CA THR A 339 -6.14 8.75 -0.32
C THR A 339 -7.14 8.54 0.82
N GLY A 340 -6.78 8.96 2.01
CA GLY A 340 -7.71 8.91 3.14
C GLY A 340 -7.49 7.86 4.18
N THR A 341 -6.50 6.98 4.03
CA THR A 341 -6.31 5.95 5.08
C THR A 341 -5.89 6.59 6.37
N GLU A 342 -6.31 5.97 7.47
CA GLU A 342 -6.09 6.48 8.81
C GLU A 342 -5.06 5.59 9.52
N GLN A 343 -4.22 6.23 10.31
CA GLN A 343 -3.22 5.52 11.10
C GLN A 343 -3.86 5.16 12.46
N TYR A 344 -3.90 3.87 12.80
CA TYR A 344 -4.52 3.37 14.04
C TYR A 344 -3.53 2.92 15.10
N SER A 345 -2.28 2.67 14.69
CA SER A 345 -1.25 2.18 15.59
C SER A 345 0.05 2.95 15.41
N GLU A 346 0.88 2.82 16.42
CA GLU A 346 2.25 3.29 16.50
C GLU A 346 3.07 2.03 16.70
N TYR A 347 4.31 2.08 16.28
CA TYR A 347 5.19 0.92 16.32
C TYR A 347 6.62 1.40 16.63
N THR A 348 7.51 0.45 16.90
CA THR A 348 8.94 0.66 17.04
C THR A 348 9.57 -0.44 16.22
N GLY A 349 10.83 -0.24 15.85
CA GLY A 349 11.58 -1.24 15.11
C GLY A 349 11.18 -1.35 13.65
N TYR A 350 11.69 -2.40 13.03
CA TYR A 350 11.57 -2.66 11.62
C TYR A 350 11.97 -4.11 11.41
N ALA A 351 11.31 -4.80 10.47
CA ALA A 351 11.59 -6.21 10.16
C ALA A 351 11.61 -7.08 11.42
N GLU A 352 12.73 -7.74 11.75
CA GLU A 352 12.78 -8.64 12.92
C GLU A 352 12.65 -7.91 14.28
N THR A 353 12.82 -6.57 14.33
CA THR A 353 12.69 -5.84 15.61
C THR A 353 11.35 -5.10 15.73
N TYR A 354 10.47 -5.22 14.72
CA TYR A 354 9.17 -4.55 14.73
C TYR A 354 8.35 -4.93 15.95
N ARG A 355 7.77 -3.93 16.62
CA ARG A 355 6.84 -4.19 17.72
C ARG A 355 5.68 -3.21 17.62
N TRP A 356 4.48 -3.66 18.00
CA TRP A 356 3.35 -2.77 18.12
C TRP A 356 3.62 -1.97 19.40
N SER A 357 3.44 -0.65 19.39
CA SER A 357 3.69 0.13 20.62
C SER A 357 2.43 0.46 21.38
N ARG A 358 1.45 1.07 20.69
CA ARG A 358 0.23 1.57 21.30
C ARG A 358 -0.74 1.99 20.22
N SER A 359 -1.95 2.35 20.67
CA SER A 359 -3.00 2.88 19.80
C SER A 359 -2.61 4.30 19.35
N HIS A 360 -2.86 4.65 18.09
CA HIS A 360 -2.60 6.01 17.60
C HIS A 360 -3.92 6.71 17.33
N GLU A 361 -4.06 7.96 17.77
CA GLU A 361 -5.25 8.76 17.48
C GLU A 361 -4.86 9.70 16.35
N ASP A 362 -5.28 9.38 15.13
CA ASP A 362 -4.90 10.16 13.94
C ASP A 362 -5.45 11.61 13.97
N GLY A 363 -4.54 12.58 13.92
CA GLY A 363 -4.88 13.99 13.97
C GLY A 363 -5.08 14.68 12.62
N SER A 364 -4.91 13.96 11.50
CA SER A 364 -5.07 14.47 10.13
C SER A 364 -6.46 15.08 9.92
N GLU A 365 -6.51 16.22 9.21
CA GLU A 365 -7.78 16.88 8.89
C GLU A 365 -8.39 16.11 7.73
N ARG A 366 -9.71 16.20 7.52
CA ARG A 366 -10.32 15.55 6.38
C ARG A 366 -10.54 16.60 5.29
N ASP A 367 -10.48 16.19 4.04
CA ASP A 367 -10.76 17.10 2.92
C ASP A 367 -12.30 17.18 2.75
N ASP A 368 -12.78 17.81 1.64
CA ASP A 368 -14.20 17.98 1.30
C ASP A 368 -14.96 16.70 0.99
N TRP A 369 -14.25 15.56 0.85
CA TRP A 369 -14.89 14.27 0.59
C TRP A 369 -14.81 13.43 1.85
N GLN A 370 -14.49 14.05 2.99
CA GLN A 370 -14.37 13.38 4.29
C GLN A 370 -13.25 12.34 4.29
N ARG A 371 -12.18 12.58 3.52
CA ARG A 371 -11.02 11.69 3.48
C ARG A 371 -9.93 12.30 4.30
N ARG A 372 -9.28 11.52 5.18
CA ARG A 372 -8.09 12.01 5.88
C ARG A 372 -7.12 12.57 4.81
N CYS A 373 -6.43 13.68 5.12
CA CYS A 373 -5.48 14.31 4.20
C CYS A 373 -4.13 13.57 4.22
N THR A 374 -4.13 12.36 3.65
CA THR A 374 -2.99 11.44 3.59
C THR A 374 -3.09 10.73 2.25
N GLU A 375 -2.10 10.96 1.37
CA GLU A 375 -2.03 10.37 0.05
C GLU A 375 -0.78 9.50 0.00
N ILE A 376 -1.01 8.24 -0.29
CA ILE A 376 0.02 7.24 -0.36
C ILE A 376 0.00 6.68 -1.77
N VAL A 377 1.17 6.56 -2.41
CA VAL A 377 1.28 5.97 -3.75
C VAL A 377 2.17 4.67 -3.64
N ALA A 378 1.63 3.57 -4.13
CA ALA A 378 2.34 2.29 -4.21
C ALA A 378 3.09 2.22 -5.55
N ILE A 379 4.44 2.23 -5.50
CA ILE A 379 5.31 2.10 -6.70
C ILE A 379 6.32 0.98 -6.45
N ASP A 380 6.28 -0.05 -7.30
CA ASP A 380 7.11 -1.21 -7.10
C ASP A 380 8.40 -1.13 -7.85
N ALA A 381 9.51 -1.17 -7.13
CA ALA A 381 10.83 -1.20 -7.76
C ALA A 381 11.09 -2.62 -8.27
N LEU A 382 12.03 -2.78 -9.20
CA LEU A 382 12.46 -4.08 -9.73
C LEU A 382 13.37 -4.80 -8.76
N HIS A 383 13.36 -6.13 -8.84
CA HIS A 383 14.22 -7.01 -8.06
C HIS A 383 15.35 -7.39 -9.03
N PHE A 384 16.60 -7.06 -8.68
CA PHE A 384 17.78 -7.32 -9.51
C PHE A 384 18.59 -8.52 -9.05
N ARG A 385 18.63 -9.59 -9.90
CA ARG A 385 19.40 -10.82 -9.68
C ARG A 385 20.86 -10.45 -9.45
N ARG A 386 21.43 -9.66 -10.39
CA ARG A 386 22.79 -9.14 -10.36
C ARG A 386 22.73 -7.63 -10.13
N TYR A 387 23.71 -7.09 -9.39
CA TYR A 387 23.78 -5.66 -9.08
C TYR A 387 23.73 -4.77 -10.34
N LEU A 388 24.64 -5.02 -11.29
CA LEU A 388 24.84 -4.25 -12.51
C LEU A 388 23.67 -4.22 -13.50
N ASP A 389 22.67 -5.12 -13.35
CA ASP A 389 21.45 -5.17 -14.18
C ASP A 389 20.69 -3.84 -14.14
N GLN A 390 20.72 -3.15 -13.00
CA GLN A 390 19.96 -1.91 -12.79
C GLN A 390 20.47 -0.74 -13.61
N PHE A 391 21.72 -0.80 -14.09
CA PHE A 391 22.34 0.24 -14.90
C PHE A 391 22.04 0.09 -16.37
N VAL A 392 21.38 -1.03 -16.76
CA VAL A 392 20.94 -1.28 -18.14
C VAL A 392 19.92 -0.16 -18.51
N PRO A 393 20.09 0.58 -19.65
CA PRO A 393 19.17 1.68 -19.98
C PRO A 393 17.68 1.35 -19.87
N GLU A 394 17.28 0.16 -20.33
CA GLU A 394 15.90 -0.30 -20.28
C GLU A 394 15.43 -0.41 -18.80
N LYS A 395 16.33 -0.87 -17.89
CA LYS A 395 15.99 -1.03 -16.47
C LYS A 395 15.95 0.34 -15.79
N MET A 396 16.86 1.26 -16.16
CA MET A 396 16.84 2.64 -15.63
C MET A 396 15.58 3.35 -16.10
N ARG A 397 15.25 3.26 -17.42
CA ARG A 397 14.04 3.86 -18.00
C ARG A 397 12.77 3.33 -17.34
N ARG A 398 12.76 2.02 -16.98
CA ARG A 398 11.62 1.40 -16.34
C ARG A 398 11.37 2.06 -14.96
N GLU A 399 12.45 2.24 -14.17
CA GLU A 399 12.38 2.82 -12.83
C GLU A 399 11.93 4.26 -12.87
N LEU A 400 12.43 5.02 -13.88
CA LEU A 400 12.03 6.41 -14.09
C LEU A 400 10.56 6.51 -14.40
N ASN A 401 10.05 5.63 -15.30
CA ASN A 401 8.66 5.63 -15.75
C ASN A 401 7.73 5.24 -14.65
N LYS A 402 8.14 4.28 -13.81
CA LYS A 402 7.36 3.82 -12.65
C LYS A 402 7.21 4.95 -11.66
N ALA A 403 8.34 5.60 -11.27
CA ALA A 403 8.31 6.72 -10.31
C ALA A 403 7.54 7.90 -10.91
N TYR A 404 7.75 8.20 -12.19
CA TYR A 404 7.02 9.28 -12.86
C TYR A 404 5.50 9.04 -12.80
N CYS A 405 5.05 7.81 -13.10
CA CYS A 405 3.64 7.44 -13.06
C CYS A 405 3.06 7.67 -11.64
N GLY A 406 3.79 7.26 -10.61
CA GLY A 406 3.36 7.47 -9.23
C GLY A 406 3.25 8.93 -8.84
N PHE A 407 4.10 9.77 -9.45
CA PHE A 407 4.18 11.19 -9.10
C PHE A 407 3.32 12.10 -9.93
N LEU A 408 3.03 11.71 -11.17
CA LEU A 408 2.26 12.53 -12.09
C LEU A 408 0.79 12.52 -11.76
N ARG A 409 0.19 13.72 -11.80
CA ARG A 409 -1.23 13.96 -11.63
C ARG A 409 -1.68 14.73 -12.89
N PRO A 410 -2.11 14.01 -13.96
CA PRO A 410 -2.47 14.70 -15.21
C PRO A 410 -3.67 15.64 -15.05
N GLY A 411 -3.49 16.87 -15.54
CA GLY A 411 -4.50 17.92 -15.43
C GLY A 411 -4.19 18.93 -14.34
N VAL A 412 -3.69 18.46 -13.18
CA VAL A 412 -3.33 19.28 -12.01
C VAL A 412 -2.11 20.18 -12.31
N SER A 413 -2.18 21.48 -11.97
CA SER A 413 -1.07 22.43 -12.15
C SER A 413 -0.02 22.24 -11.06
N SER A 414 1.26 22.48 -11.41
CA SER A 414 2.45 22.30 -10.56
C SER A 414 2.38 23.01 -9.19
N GLU A 415 1.81 24.22 -9.14
CA GLU A 415 1.68 24.98 -7.90
C GLU A 415 0.65 24.37 -6.92
N ASN A 416 -0.14 23.38 -7.39
CA ASN A 416 -1.13 22.66 -6.58
C ASN A 416 -0.63 21.25 -6.22
N LEU A 417 0.65 20.94 -6.51
CA LEU A 417 1.21 19.62 -6.20
C LEU A 417 2.13 19.66 -5.02
N SER A 418 1.79 18.90 -3.99
CA SER A 418 2.60 18.76 -2.78
C SER A 418 3.96 18.14 -3.15
N ALA A 419 4.96 18.25 -2.26
CA ALA A 419 6.25 17.60 -2.45
C ALA A 419 6.04 16.06 -2.35
N VAL A 420 7.03 15.26 -2.82
CA VAL A 420 7.01 13.78 -2.70
C VAL A 420 7.84 13.42 -1.45
N ALA A 421 7.29 12.68 -0.47
CA ALA A 421 8.04 12.22 0.72
C ALA A 421 8.42 10.75 0.41
N THR A 422 9.71 10.56 0.12
CA THR A 422 10.22 9.24 -0.27
C THR A 422 11.55 8.91 0.45
N GLY A 423 12.14 7.79 0.11
CA GLY A 423 13.40 7.36 0.67
C GLY A 423 14.01 6.29 -0.19
N ASN A 424 14.87 5.46 0.43
CA ASN A 424 15.61 4.35 -0.18
C ASN A 424 14.68 3.28 -0.76
N TRP A 425 14.16 3.54 -1.96
CA TRP A 425 13.21 2.70 -2.70
C TRP A 425 13.93 1.58 -3.42
N GLY A 426 13.48 0.35 -3.20
CA GLY A 426 14.03 -0.85 -3.84
C GLY A 426 15.34 -1.36 -3.31
N CYS A 427 15.69 -0.99 -2.07
CA CYS A 427 16.93 -1.41 -1.42
C CYS A 427 16.83 -2.76 -0.71
N GLY A 428 17.96 -3.19 -0.13
CA GLY A 428 18.09 -4.44 0.62
C GLY A 428 17.94 -5.66 -0.26
N ALA A 429 16.90 -6.47 0.02
CA ALA A 429 16.57 -7.72 -0.67
C ALA A 429 16.42 -7.59 -2.20
N PHE A 430 15.92 -6.45 -2.69
CA PHE A 430 15.69 -6.20 -4.11
C PHE A 430 16.98 -5.83 -4.89
N GLY A 431 18.06 -5.52 -4.19
CA GLY A 431 19.37 -5.25 -4.79
C GLY A 431 19.58 -3.89 -5.44
N GLY A 432 18.70 -2.94 -5.16
CA GLY A 432 18.85 -1.58 -5.69
C GLY A 432 19.99 -0.80 -5.08
N ASP A 433 20.66 0.00 -5.93
CA ASP A 433 21.73 0.91 -5.52
C ASP A 433 21.05 2.21 -5.10
N ALA A 434 21.16 2.56 -3.81
CA ALA A 434 20.54 3.75 -3.20
C ALA A 434 20.88 5.06 -3.90
N ARG A 435 22.12 5.23 -4.39
CA ARG A 435 22.57 6.44 -5.05
C ARG A 435 21.93 6.58 -6.43
N LEU A 436 21.79 5.47 -7.14
CA LEU A 436 21.08 5.45 -8.42
C LEU A 436 19.57 5.65 -8.20
N LYS A 437 18.96 4.94 -7.24
CA LYS A 437 17.52 5.12 -7.02
C LYS A 437 17.16 6.49 -6.56
N ALA A 438 18.04 7.12 -5.78
CA ALA A 438 17.81 8.48 -5.33
C ALA A 438 17.77 9.40 -6.56
N LEU A 439 18.74 9.27 -7.48
CA LEU A 439 18.77 10.06 -8.70
C LEU A 439 17.53 9.85 -9.57
N ILE A 440 17.17 8.60 -9.80
CA ILE A 440 15.99 8.23 -10.56
C ILE A 440 14.73 8.94 -10.02
N GLN A 441 14.52 8.90 -8.69
CA GLN A 441 13.36 9.56 -8.08
C GLN A 441 13.44 11.08 -8.21
N ILE A 442 14.64 11.64 -8.08
CA ILE A 442 14.83 13.09 -8.22
C ILE A 442 14.48 13.52 -9.68
N LEU A 443 14.86 12.71 -10.68
CA LEU A 443 14.57 12.99 -12.09
C LEU A 443 13.08 12.87 -12.39
N ALA A 444 12.41 11.85 -11.82
CA ALA A 444 10.99 11.63 -12.10
C ALA A 444 10.13 12.70 -11.44
N ALA A 445 10.56 13.17 -10.25
CA ALA A 445 9.90 14.22 -9.49
C ALA A 445 10.04 15.54 -10.22
N ALA A 446 11.19 15.78 -10.85
CA ALA A 446 11.46 16.96 -11.66
C ALA A 446 10.55 16.94 -12.89
N ALA A 447 10.46 15.80 -13.60
CA ALA A 447 9.58 15.68 -14.78
C ALA A 447 8.11 15.87 -14.40
N ALA A 448 7.72 15.39 -13.21
CA ALA A 448 6.37 15.56 -12.69
C ALA A 448 6.19 16.96 -12.02
N GLU A 449 7.27 17.78 -11.95
CA GLU A 449 7.26 19.14 -11.36
C GLU A 449 6.89 19.17 -9.85
N ARG A 450 7.43 18.23 -9.08
CA ARG A 450 7.21 18.18 -7.64
C ARG A 450 8.55 18.27 -6.98
N ASP A 451 8.62 18.86 -5.78
CA ASP A 451 9.81 18.89 -4.93
C ASP A 451 9.92 17.53 -4.20
N VAL A 452 11.14 17.19 -3.67
CA VAL A 452 11.42 15.89 -3.04
C VAL A 452 11.87 16.09 -1.58
N VAL A 453 11.28 15.29 -0.69
CA VAL A 453 11.65 15.18 0.70
C VAL A 453 12.15 13.72 0.79
N TYR A 454 13.46 13.54 1.04
CA TYR A 454 14.12 12.23 0.98
C TYR A 454 14.60 11.80 2.35
N PHE A 455 14.16 10.63 2.78
CA PHE A 455 14.54 10.06 4.08
C PHE A 455 15.55 8.96 3.86
N THR A 456 16.72 9.04 4.48
CA THR A 456 17.74 8.00 4.25
C THR A 456 17.81 6.98 5.40
N PHE A 457 16.88 7.05 6.38
CA PHE A 457 16.75 6.06 7.47
C PHE A 457 18.05 5.70 8.20
N GLY A 458 18.70 6.71 8.77
CA GLY A 458 19.91 6.51 9.55
C GLY A 458 21.20 6.58 8.80
N ASP A 459 21.15 6.53 7.45
CA ASP A 459 22.36 6.63 6.64
C ASP A 459 22.76 8.12 6.39
N SER A 460 23.57 8.66 7.31
CA SER A 460 24.07 10.03 7.24
C SER A 460 24.97 10.31 6.02
N GLU A 461 25.79 9.33 5.61
CA GLU A 461 26.68 9.46 4.44
C GLU A 461 25.87 9.56 3.15
N LEU A 462 24.82 8.73 3.03
CA LEU A 462 23.89 8.76 1.89
C LEU A 462 23.18 10.13 1.82
N MET A 463 22.77 10.68 2.96
CA MET A 463 22.15 12.02 2.99
C MET A 463 23.12 13.07 2.39
N ARG A 464 24.39 13.07 2.84
N ARG A 464 24.40 13.05 2.85
CA ARG A 464 25.42 14.01 2.37
CA ARG A 464 25.45 13.96 2.40
C ARG A 464 25.70 13.86 0.87
C ARG A 464 25.75 13.85 0.90
N ASP A 465 25.82 12.60 0.38
CA ASP A 465 26.06 12.30 -1.04
C ASP A 465 24.92 12.74 -1.94
N ILE A 466 23.63 12.43 -1.55
CA ILE A 466 22.45 12.86 -2.34
C ILE A 466 22.43 14.40 -2.40
N TYR A 467 22.61 15.07 -1.25
CA TYR A 467 22.63 16.54 -1.20
C TYR A 467 23.72 17.12 -2.09
N SER A 468 24.99 16.62 -1.95
CA SER A 468 26.13 17.10 -2.74
C SER A 468 25.88 16.88 -4.20
N MET A 469 25.36 15.71 -4.59
CA MET A 469 25.04 15.47 -6.01
C MET A 469 23.99 16.47 -6.52
N HIS A 470 22.89 16.64 -5.78
CA HIS A 470 21.79 17.53 -6.15
C HIS A 470 22.25 18.97 -6.30
N ILE A 471 22.96 19.50 -5.28
CA ILE A 471 23.46 20.88 -5.32
C ILE A 471 24.41 21.06 -6.52
N PHE A 472 25.23 20.04 -6.83
CA PHE A 472 26.17 20.05 -7.95
C PHE A 472 25.43 20.19 -9.30
N LEU A 473 24.41 19.34 -9.53
CA LEU A 473 23.66 19.37 -10.80
C LEU A 473 22.82 20.64 -10.95
N THR A 474 22.25 21.14 -9.84
CA THR A 474 21.41 22.34 -9.78
C THR A 474 22.22 23.60 -10.11
N GLU A 475 23.41 23.76 -9.46
CA GLU A 475 24.31 24.89 -9.65
C GLU A 475 24.84 24.93 -11.07
N ARG A 476 24.98 23.76 -11.70
CA ARG A 476 25.43 23.64 -13.08
C ARG A 476 24.25 23.72 -14.09
N LYS A 477 23.01 23.89 -13.58
CA LYS A 477 21.77 24.03 -14.36
C LYS A 477 21.55 22.86 -15.36
N LEU A 478 21.93 21.63 -14.98
CA LEU A 478 21.71 20.45 -15.78
C LEU A 478 20.23 20.08 -15.75
N THR A 479 19.65 19.77 -16.92
CA THR A 479 18.25 19.37 -17.06
C THR A 479 18.14 17.86 -16.75
N VAL A 480 16.90 17.32 -16.76
CA VAL A 480 16.58 15.92 -16.59
C VAL A 480 17.29 15.12 -17.69
N GLY A 481 17.22 15.62 -18.93
CA GLY A 481 17.87 15.03 -20.11
C GLY A 481 19.38 14.93 -19.97
N ASP A 482 20.02 16.03 -19.53
CA ASP A 482 21.46 16.10 -19.26
C ASP A 482 21.87 15.03 -18.25
N VAL A 483 21.10 14.87 -17.13
CA VAL A 483 21.39 13.86 -16.11
C VAL A 483 21.13 12.44 -16.65
N TYR A 484 20.02 12.23 -17.38
CA TYR A 484 19.75 10.90 -17.96
C TYR A 484 20.85 10.44 -18.93
N LYS A 485 21.38 11.36 -19.77
CA LYS A 485 22.47 11.04 -20.70
C LYS A 485 23.74 10.65 -19.94
N LEU A 486 23.98 11.24 -18.73
CA LEU A 486 25.12 10.87 -17.88
C LEU A 486 24.95 9.44 -17.36
N LEU A 487 23.71 9.02 -17.08
CA LEU A 487 23.41 7.67 -16.64
C LEU A 487 23.64 6.70 -17.79
N LEU A 488 23.29 7.09 -19.03
CA LEU A 488 23.55 6.27 -20.24
C LEU A 488 25.04 6.12 -20.49
N ARG A 489 25.83 7.18 -20.22
CA ARG A 489 27.28 7.14 -20.39
C ARG A 489 27.92 6.21 -19.34
N TYR A 490 27.41 6.22 -18.11
CA TYR A 490 27.92 5.37 -17.04
C TYR A 490 27.79 3.90 -17.44
N TYR A 491 26.57 3.49 -17.86
CA TYR A 491 26.32 2.13 -18.33
C TYR A 491 27.33 1.74 -19.39
N ASN A 492 27.48 2.60 -20.37
CA ASN A 492 28.32 2.41 -21.53
C ASN A 492 29.81 2.29 -21.23
N GLU A 493 30.34 3.19 -20.40
CA GLU A 493 31.76 3.23 -20.05
C GLU A 493 32.16 2.18 -19.02
N GLU A 494 31.30 1.96 -18.00
CA GLU A 494 31.60 1.11 -16.84
C GLU A 494 30.84 -0.21 -16.67
N CYS A 495 29.57 -0.33 -17.13
CA CYS A 495 28.76 -1.54 -16.87
C CYS A 495 28.62 -2.52 -18.06
N ARG A 496 28.41 -2.02 -19.29
CA ARG A 496 28.20 -2.81 -20.50
C ARG A 496 29.32 -3.83 -20.74
N ASN A 497 30.58 -3.37 -20.85
CA ASN A 497 31.76 -4.20 -21.08
C ASN A 497 32.29 -4.93 -19.81
N CYS A 498 31.75 -4.57 -18.62
CA CYS A 498 32.14 -5.13 -17.32
C CYS A 498 31.76 -6.61 -17.17
N SER A 499 32.77 -7.46 -16.95
CA SER A 499 32.61 -8.92 -16.78
C SER A 499 32.53 -9.32 -15.28
N THR A 500 33.31 -8.63 -14.42
CA THR A 500 33.38 -8.84 -12.97
C THR A 500 32.05 -8.59 -12.27
N PRO A 503 31.50 -2.68 -10.63
CA PRO A 503 32.18 -1.72 -11.52
C PRO A 503 33.48 -1.16 -10.93
N ASP A 504 34.34 -0.59 -11.78
CA ASP A 504 35.61 0.01 -11.37
C ASP A 504 35.41 1.35 -10.65
N ILE A 505 34.56 2.21 -11.23
CA ILE A 505 34.22 3.55 -10.74
C ILE A 505 32.74 3.57 -10.36
N LYS A 506 32.41 4.22 -9.24
CA LYS A 506 31.03 4.38 -8.77
C LYS A 506 30.34 5.51 -9.53
N LEU A 507 29.01 5.49 -9.58
CA LEU A 507 28.19 6.44 -10.30
C LEU A 507 28.43 7.90 -9.97
N TYR A 508 28.37 8.29 -8.69
CA TYR A 508 28.50 9.73 -8.35
C TYR A 508 29.89 10.26 -8.70
N PRO A 509 31.02 9.60 -8.31
CA PRO A 509 32.34 10.04 -8.80
C PRO A 509 32.37 10.16 -10.34
N PHE A 510 31.78 9.19 -11.06
CA PHE A 510 31.70 9.23 -12.53
C PHE A 510 31.02 10.53 -12.98
N ILE A 511 29.85 10.85 -12.42
CA ILE A 511 29.09 12.06 -12.76
C ILE A 511 29.90 13.33 -12.54
N TYR A 512 30.49 13.50 -11.34
CA TYR A 512 31.32 14.67 -11.04
C TYR A 512 32.46 14.78 -12.05
N HIS A 513 33.14 13.66 -12.37
N HIS A 513 33.14 13.66 -12.37
CA HIS A 513 34.25 13.64 -13.33
CA HIS A 513 34.25 13.64 -13.32
C HIS A 513 33.79 14.03 -14.73
C HIS A 513 33.81 14.01 -14.73
N ALA A 514 32.71 13.40 -15.23
CA ALA A 514 32.15 13.65 -16.56
C ALA A 514 31.76 15.11 -16.78
N VAL A 515 31.12 15.74 -15.79
CA VAL A 515 30.68 17.13 -15.90
C VAL A 515 31.84 18.10 -15.76
N GLU A 516 32.67 17.92 -14.71
CA GLU A 516 33.82 18.77 -14.42
C GLU A 516 34.91 18.78 -15.50
N SER A 517 35.02 17.70 -16.30
CA SER A 517 36.04 17.60 -17.35
C SER A 517 35.50 18.02 -18.73
N CYS A 518 34.16 18.22 -18.83
CA CYS A 518 33.50 18.66 -20.05
C CYS A 518 33.50 20.19 -20.12
C1 6WJ B . 18.35 2.06 4.84
C2 6WJ B . 16.45 1.40 3.91
C3 6WJ B . 16.24 0.83 5.12
C7 6WJ B . 11.29 3.08 6.44
C8 6WJ B . 10.54 3.85 7.31
C9 6WJ B . 10.82 3.85 8.68
C10 6WJ B . 11.88 3.11 9.14
C11 6WJ B . 12.69 2.35 8.30
C12 6WJ B . 14.58 0.83 7.89
C13 6WJ B . 14.14 1.56 10.24
C14 6WJ B . 14.75 2.86 10.75
C15 6WJ B . 16.05 3.30 10.18
C16 6WJ B . 15.99 2.79 11.58
C19 6WJ B . 6.18 2.84 6.42
C20 6WJ B . 8.07 1.80 7.91
O3 6WJ B . 9.44 6.15 7.04
S1 6WJ B . 9.19 4.78 6.71
O2 6WJ B . 8.97 4.44 5.34
N3 6WJ B . 7.89 4.31 7.58
C17 6WJ B . 7.20 2.98 7.52
C18 6WJ B . 5.74 2.97 7.86
C6 6WJ B . 12.38 2.35 6.92
C5 6WJ B . 13.17 1.57 5.96
O 6WJ B . 12.98 1.48 4.77
N2 6WJ B . 13.80 1.58 8.75
O1 6WJ B . 15.51 0.17 8.28
N1 6WJ B . 14.23 0.83 6.52
C4 6WJ B . 15.05 0.06 5.59
N 6WJ B . 17.64 2.10 3.73
S 6WJ B . 17.58 1.19 6.12
C 6WJ B . 19.69 2.69 5.09
H3 6WJ B . 15.78 1.36 3.05
H6 6WJ B . 11.08 3.08 5.37
H7 6WJ B . 10.22 4.44 9.36
H8 6WJ B . 12.04 3.16 10.23
H9 6WJ B . 14.83 0.74 10.47
H10 6WJ B . 13.24 1.30 10.80
H11 6WJ B . 14.02 3.62 11.00
H13 6WJ B . 16.23 4.35 10.01
H12 6WJ B . 16.55 2.72 9.41
H14 6WJ B . 16.43 1.84 11.85
H15 6WJ B . 16.11 3.47 12.43
H19 6WJ B . 5.99 3.64 5.72
H20 6WJ B . 6.08 1.89 5.90
H23 6WJ B . 7.49 0.89 8.06
H22 6WJ B . 8.61 1.99 8.84
H21 6WJ B . 8.82 1.58 7.15
H16 6WJ B . 7.43 4.88 8.28
H18 6WJ B . 5.28 2.13 8.37
H17 6WJ B . 5.24 3.88 8.19
H4 6WJ B . 15.38 -0.86 6.06
H5 6WJ B . 14.48 -0.29 4.73
H1 6WJ B . 19.67 3.36 5.95
H2 6WJ B . 20.47 1.96 5.28
H 6WJ B . 20.02 3.27 4.23
S SO4 C . 18.50 18.46 -22.98
O1 SO4 C . 18.81 19.86 -22.65
O2 SO4 C . 17.90 17.83 -21.83
O3 SO4 C . 19.73 17.72 -23.32
O4 SO4 C . 17.57 18.41 -24.09
S SO4 D . -12.58 -21.44 -2.61
O1 SO4 D . -13.15 -22.73 -2.25
O2 SO4 D . -12.50 -20.72 -1.39
O3 SO4 D . -13.51 -20.76 -3.50
O4 SO4 D . -11.24 -21.49 -3.21
S SO4 E . 18.09 1.38 -25.36
O1 SO4 E . 19.47 0.90 -25.31
O2 SO4 E . 17.99 2.66 -24.67
O3 SO4 E . 17.68 1.56 -26.76
O4 SO4 E . 17.19 0.39 -24.74
S DMS F . -24.83 8.73 -4.98
O DMS F . -25.12 8.68 -3.59
C1 DMS F . -23.62 7.44 -5.25
C2 DMS F . -26.28 8.04 -5.72
S DMS G . -17.05 -25.47 2.18
O DMS G . -15.73 -25.72 2.78
C1 DMS G . -16.89 -26.18 0.57
C2 DMS G . -18.10 -26.67 2.92
S DMS H . 0.54 -12.43 -2.25
O DMS H . -0.48 -11.47 -1.93
C1 DMS H . 0.25 -12.88 -3.94
C2 DMS H . 2.01 -11.46 -2.46
#